data_1OT8
#
_entry.id   1OT8
#
_cell.length_a   73.629
_cell.length_b   73.629
_cell.length_c   341.056
_cell.angle_alpha   90.00
_cell.angle_beta   90.00
_cell.angle_gamma   90.00
#
_symmetry.space_group_name_H-M   'P 43 21 2'
#
loop_
_entity.id
_entity.type
_entity.pdbx_description
1 polymer 'Neurogenic locus Notch protein'
2 non-polymer 'MAGNESIUM ION'
3 water water
#
_entity_poly.entity_id   1
_entity_poly.type   'polypeptide(L)'
_entity_poly.pdbx_seq_one_letter_code
;MGLTPLMIAAVRGGGLDTGEDIENNEDSTAQVISDLLAQGAELNATMDKTGETSLHLAARFARADAAKRLLDAGADANSQ
DNTGRTPLHAAVAADAMGVFQILLRNRATNLNARMHDGTTPLILAARLAIEGMVEDLITADADINAADNSGKTALHWAAA
VNNTEAVNILLMHHANRDAQDDKDETPLFLAAREGSYEASKALLDNFANREITDHMDRLPRDVASERLHHDIVRLLDEH
;
_entity_poly.pdbx_strand_id   A,B,C
#
# COMPACT_ATOMS: atom_id res chain seq x y z
N THR A 29 -10.47 -24.13 -9.90
CA THR A 29 -10.22 -23.46 -11.22
C THR A 29 -11.40 -23.66 -12.16
N ALA A 30 -11.89 -24.89 -12.23
CA ALA A 30 -13.04 -25.19 -13.08
C ALA A 30 -14.23 -24.40 -12.55
N GLN A 31 -14.32 -24.32 -11.22
CA GLN A 31 -15.40 -23.59 -10.58
C GLN A 31 -15.35 -22.11 -10.92
N VAL A 32 -14.15 -21.54 -10.86
CA VAL A 32 -13.97 -20.11 -11.15
C VAL A 32 -14.33 -19.79 -12.60
N ILE A 33 -13.80 -20.57 -13.53
CA ILE A 33 -14.07 -20.34 -14.94
C ILE A 33 -15.56 -20.55 -15.27
N SER A 34 -16.12 -21.68 -14.83
CA SER A 34 -17.52 -21.96 -15.08
C SER A 34 -18.42 -20.85 -14.55
N ASP A 35 -18.07 -20.31 -13.37
CA ASP A 35 -18.87 -19.24 -12.80
C ASP A 35 -18.76 -17.98 -13.66
N LEU A 36 -17.55 -17.66 -14.09
CA LEU A 36 -17.32 -16.49 -14.93
C LEU A 36 -18.13 -16.58 -16.22
N LEU A 37 -18.10 -17.75 -16.86
CA LEU A 37 -18.83 -17.95 -18.10
C LEU A 37 -20.34 -17.90 -17.88
N ALA A 38 -20.79 -18.46 -16.76
CA ALA A 38 -22.22 -18.47 -16.42
C ALA A 38 -22.71 -17.06 -16.11
N GLN A 39 -21.99 -16.35 -15.25
CA GLN A 39 -22.36 -14.97 -14.92
C GLN A 39 -22.31 -14.08 -16.16
N GLY A 40 -21.32 -14.36 -17.01
CA GLY A 40 -21.19 -13.59 -18.23
C GLY A 40 -22.41 -13.71 -19.12
N ALA A 41 -22.96 -14.92 -19.22
CA ALA A 41 -24.13 -15.17 -20.04
C ALA A 41 -25.37 -14.45 -19.51
N GLU A 42 -25.54 -14.47 -18.20
CA GLU A 42 -26.68 -13.81 -17.58
C GLU A 42 -26.60 -12.30 -17.73
N LEU A 43 -25.38 -11.78 -17.89
CA LEU A 43 -25.15 -10.35 -18.03
C LEU A 43 -25.03 -9.84 -19.47
N ASN A 44 -24.94 -10.74 -20.44
CA ASN A 44 -24.79 -10.32 -21.83
C ASN A 44 -25.89 -9.40 -22.36
N ALA A 45 -27.12 -9.59 -21.88
CA ALA A 45 -28.23 -8.74 -22.33
C ALA A 45 -27.84 -7.29 -22.09
N THR A 46 -27.40 -7.01 -20.86
CA THR A 46 -27.00 -5.67 -20.47
C THR A 46 -25.78 -5.17 -21.25
N MET A 47 -24.74 -5.99 -21.30
CA MET A 47 -23.51 -5.63 -21.99
C MET A 47 -23.69 -5.40 -23.50
N ASP A 48 -24.62 -6.12 -24.10
CA ASP A 48 -24.85 -5.95 -25.54
C ASP A 48 -25.45 -4.58 -25.84
N LYS A 49 -26.07 -3.97 -24.85
CA LYS A 49 -26.68 -2.65 -25.05
C LYS A 49 -25.73 -1.50 -24.71
N THR A 50 -24.76 -1.76 -23.84
CA THR A 50 -23.82 -0.73 -23.42
C THR A 50 -22.41 -0.93 -23.95
N GLY A 51 -22.12 -2.13 -24.42
CA GLY A 51 -20.79 -2.43 -24.94
C GLY A 51 -19.80 -2.67 -23.81
N GLU A 52 -20.32 -2.76 -22.59
CA GLU A 52 -19.49 -2.98 -21.40
C GLU A 52 -19.04 -4.43 -21.25
N THR A 53 -18.00 -4.62 -20.42
CA THR A 53 -17.45 -5.94 -20.12
C THR A 53 -17.82 -6.20 -18.67
N SER A 54 -17.59 -7.42 -18.20
CA SER A 54 -17.90 -7.77 -16.81
C SER A 54 -17.22 -6.80 -15.84
N LEU A 55 -16.00 -6.38 -16.16
CA LEU A 55 -15.25 -5.47 -15.29
C LEU A 55 -15.94 -4.10 -15.22
N HIS A 56 -16.52 -3.67 -16.33
CA HIS A 56 -17.24 -2.38 -16.36
C HIS A 56 -18.38 -2.46 -15.36
N LEU A 57 -19.11 -3.58 -15.40
CA LEU A 57 -20.24 -3.78 -14.50
C LEU A 57 -19.82 -3.80 -13.04
N ALA A 58 -18.67 -4.43 -12.77
CA ALA A 58 -18.17 -4.52 -11.40
C ALA A 58 -17.93 -3.10 -10.89
N ALA A 59 -17.42 -2.24 -11.77
CA ALA A 59 -17.15 -0.85 -11.44
C ALA A 59 -18.46 -0.06 -11.31
N ARG A 60 -19.35 -0.21 -12.28
CA ARG A 60 -20.61 0.51 -12.27
C ARG A 60 -21.48 0.15 -11.07
N PHE A 61 -21.43 -1.10 -10.63
CA PHE A 61 -22.23 -1.48 -9.48
C PHE A 61 -21.44 -1.58 -8.18
N ALA A 62 -20.26 -0.97 -8.19
CA ALA A 62 -19.37 -0.90 -7.03
C ALA A 62 -19.13 -2.22 -6.29
N ARG A 63 -18.56 -3.19 -6.99
CA ARG A 63 -18.26 -4.49 -6.38
C ARG A 63 -16.75 -4.66 -6.36
N ALA A 64 -16.11 -4.25 -5.28
CA ALA A 64 -14.67 -4.39 -5.14
C ALA A 64 -14.26 -5.86 -5.22
N ASP A 65 -15.08 -6.73 -4.62
CA ASP A 65 -14.77 -8.16 -4.65
C ASP A 65 -14.77 -8.74 -6.05
N ALA A 66 -15.80 -8.43 -6.83
CA ALA A 66 -15.89 -8.92 -8.19
C ALA A 66 -14.78 -8.32 -9.05
N ALA A 67 -14.46 -7.06 -8.80
CA ALA A 67 -13.41 -6.37 -9.57
C ALA A 67 -12.08 -7.11 -9.47
N LYS A 68 -11.68 -7.50 -8.28
CA LYS A 68 -10.42 -8.21 -8.10
C LYS A 68 -10.44 -9.57 -8.78
N ARG A 69 -11.54 -10.29 -8.64
CA ARG A 69 -11.66 -11.61 -9.27
C ARG A 69 -11.52 -11.53 -10.79
N LEU A 70 -12.17 -10.53 -11.40
CA LEU A 70 -12.11 -10.37 -12.84
C LEU A 70 -10.71 -10.01 -13.32
N LEU A 71 -10.02 -9.12 -12.61
CA LEU A 71 -8.67 -8.74 -13.00
C LEU A 71 -7.74 -9.93 -12.87
N ASP A 72 -7.92 -10.72 -11.80
CA ASP A 72 -7.08 -11.91 -11.61
C ASP A 72 -7.37 -12.93 -12.70
N ALA A 73 -8.56 -12.85 -13.27
CA ALA A 73 -8.97 -13.77 -14.33
C ALA A 73 -8.50 -13.27 -15.69
N GLY A 74 -7.79 -12.14 -15.69
CA GLY A 74 -7.27 -11.60 -16.94
C GLY A 74 -8.07 -10.51 -17.62
N ALA A 75 -9.04 -9.92 -16.92
CA ALA A 75 -9.85 -8.86 -17.51
C ALA A 75 -8.99 -7.69 -17.95
N ASP A 76 -9.34 -7.09 -19.09
CA ASP A 76 -8.60 -5.95 -19.62
C ASP A 76 -9.11 -4.69 -18.93
N ALA A 77 -8.24 -4.04 -18.17
CA ALA A 77 -8.61 -2.84 -17.44
C ALA A 77 -8.85 -1.64 -18.35
N ASN A 78 -8.46 -1.75 -19.62
CA ASN A 78 -8.64 -0.65 -20.56
C ASN A 78 -9.66 -0.90 -21.67
N SER A 79 -10.46 -1.95 -21.53
CA SER A 79 -11.50 -2.19 -22.52
C SER A 79 -12.49 -1.04 -22.58
N GLN A 80 -12.97 -0.68 -23.75
CA GLN A 80 -13.89 0.45 -23.86
C GLN A 80 -15.32 0.02 -24.19
N ASP A 81 -16.29 0.72 -23.60
CA ASP A 81 -17.69 0.42 -23.88
C ASP A 81 -18.14 1.28 -25.05
N ASN A 82 -19.45 1.38 -25.29
CA ASN A 82 -19.95 2.15 -26.42
C ASN A 82 -19.59 3.64 -26.45
N THR A 83 -19.35 4.25 -25.28
CA THR A 83 -18.97 5.67 -25.26
C THR A 83 -17.46 5.85 -25.09
N GLY A 84 -16.73 4.74 -25.10
CA GLY A 84 -15.30 4.81 -24.94
C GLY A 84 -14.81 4.71 -23.50
N ARG A 85 -15.73 4.54 -22.57
CA ARG A 85 -15.36 4.43 -21.16
C ARG A 85 -14.67 3.12 -20.85
N THR A 86 -13.64 3.18 -20.01
CA THR A 86 -12.94 1.98 -19.56
C THR A 86 -13.54 1.76 -18.17
N PRO A 87 -13.24 0.61 -17.54
CA PRO A 87 -13.81 0.39 -16.21
C PRO A 87 -13.41 1.48 -15.22
N LEU A 88 -12.32 2.19 -15.49
CA LEU A 88 -11.89 3.27 -14.61
C LEU A 88 -12.87 4.43 -14.71
N HIS A 89 -13.29 4.77 -15.93
CA HIS A 89 -14.26 5.86 -16.10
C HIS A 89 -15.51 5.47 -15.33
N ALA A 90 -15.94 4.22 -15.51
CA ALA A 90 -17.12 3.68 -14.86
C ALA A 90 -17.05 3.77 -13.34
N ALA A 91 -15.89 3.43 -12.77
CA ALA A 91 -15.70 3.48 -11.31
C ALA A 91 -15.87 4.92 -10.81
N VAL A 92 -15.33 5.86 -11.57
CA VAL A 92 -15.43 7.27 -11.20
C VAL A 92 -16.90 7.71 -11.25
N ALA A 93 -17.58 7.43 -12.36
CA ALA A 93 -18.98 7.82 -12.52
C ALA A 93 -19.91 7.23 -11.45
N ALA A 94 -19.61 6.03 -10.99
CA ALA A 94 -20.44 5.39 -9.97
C ALA A 94 -19.92 5.62 -8.55
N ASP A 95 -18.84 6.40 -8.45
CA ASP A 95 -18.22 6.67 -7.15
C ASP A 95 -17.93 5.36 -6.42
N ALA A 96 -17.39 4.40 -7.16
CA ALA A 96 -17.02 3.10 -6.61
C ALA A 96 -15.56 3.22 -6.21
N MET A 97 -15.32 3.85 -5.05
CA MET A 97 -13.97 4.07 -4.56
C MET A 97 -13.16 2.79 -4.42
N GLY A 98 -13.84 1.70 -4.04
CA GLY A 98 -13.14 0.43 -3.90
C GLY A 98 -12.58 -0.05 -5.22
N VAL A 99 -13.45 -0.18 -6.22
CA VAL A 99 -13.03 -0.63 -7.54
C VAL A 99 -11.99 0.34 -8.09
N PHE A 100 -12.19 1.62 -7.84
CA PHE A 100 -11.28 2.68 -8.29
C PHE A 100 -9.84 2.42 -7.82
N GLN A 101 -9.67 2.19 -6.53
CA GLN A 101 -8.34 1.93 -5.97
C GLN A 101 -7.74 0.64 -6.52
N ILE A 102 -8.60 -0.36 -6.73
CA ILE A 102 -8.17 -1.64 -7.27
C ILE A 102 -7.66 -1.44 -8.71
N LEU A 103 -8.27 -0.51 -9.43
CA LEU A 103 -7.86 -0.24 -10.80
C LEU A 103 -6.57 0.59 -10.79
N LEU A 104 -6.50 1.54 -9.87
CA LEU A 104 -5.32 2.39 -9.75
C LEU A 104 -4.05 1.61 -9.40
N ARG A 105 -4.19 0.58 -8.58
CA ARG A 105 -3.04 -0.23 -8.17
C ARG A 105 -2.64 -1.22 -9.27
N ASN A 106 -3.47 -1.34 -10.30
CA ASN A 106 -3.22 -2.23 -11.43
C ASN A 106 -2.32 -1.47 -12.42
N ARG A 107 -1.07 -1.88 -12.60
CA ARG A 107 -0.10 -1.19 -13.42
C ARG A 107 -0.57 -1.08 -14.86
N ALA A 108 -1.32 -2.01 -15.41
CA ALA A 108 -1.78 -1.95 -16.80
C ALA A 108 -2.83 -0.86 -17.03
N THR A 109 -3.46 -0.40 -15.97
CA THR A 109 -4.49 0.63 -16.09
C THR A 109 -4.00 1.95 -16.67
N ASN A 110 -4.65 2.40 -17.73
CA ASN A 110 -4.29 3.68 -18.36
C ASN A 110 -5.12 4.77 -17.67
N LEU A 111 -4.45 5.60 -16.86
CA LEU A 111 -5.13 6.65 -16.12
C LEU A 111 -5.57 7.82 -16.99
N ASN A 112 -5.09 7.86 -18.22
CA ASN A 112 -5.44 8.95 -19.13
C ASN A 112 -6.32 8.45 -20.27
N ALA A 113 -6.94 7.29 -20.09
CA ALA A 113 -7.81 6.72 -21.11
C ALA A 113 -8.87 7.75 -21.47
N ARG A 114 -9.16 7.87 -22.75
CA ARG A 114 -10.14 8.86 -23.20
C ARG A 114 -11.42 8.26 -23.73
N MET A 115 -12.54 8.88 -23.37
CA MET A 115 -13.83 8.46 -23.87
C MET A 115 -13.82 8.95 -25.32
N HIS A 116 -14.80 8.55 -26.11
CA HIS A 116 -14.84 9.01 -27.50
C HIS A 116 -14.82 10.54 -27.60
N ASP A 117 -15.41 11.22 -26.62
CA ASP A 117 -15.42 12.68 -26.65
C ASP A 117 -14.16 13.31 -26.02
N GLY A 118 -13.16 12.48 -25.73
CA GLY A 118 -11.92 12.98 -25.16
C GLY A 118 -11.83 13.06 -23.65
N THR A 119 -12.93 12.75 -22.97
CA THR A 119 -12.97 12.82 -21.51
C THR A 119 -12.13 11.77 -20.78
N THR A 120 -11.27 12.25 -19.87
CA THR A 120 -10.41 11.37 -19.07
C THR A 120 -11.07 11.11 -17.71
N PRO A 121 -10.52 10.15 -16.93
CA PRO A 121 -11.10 9.87 -15.62
C PRO A 121 -11.05 11.09 -14.70
N LEU A 122 -9.96 11.86 -14.78
CA LEU A 122 -9.82 13.05 -13.94
C LEU A 122 -10.84 14.12 -14.32
N ILE A 123 -11.08 14.28 -15.61
CA ILE A 123 -12.07 15.26 -16.04
C ILE A 123 -13.45 14.83 -15.52
N LEU A 124 -13.73 13.53 -15.61
CA LEU A 124 -15.00 13.00 -15.13
C LEU A 124 -15.19 13.23 -13.63
N ALA A 125 -14.13 12.98 -12.86
CA ALA A 125 -14.19 13.16 -11.42
C ALA A 125 -14.49 14.61 -11.06
N ALA A 126 -13.89 15.53 -11.79
CA ALA A 126 -14.08 16.95 -11.56
C ALA A 126 -15.49 17.40 -11.96
N ARG A 127 -15.91 17.00 -13.16
CA ARG A 127 -17.22 17.38 -13.66
C ARG A 127 -18.37 16.74 -12.87
N LEU A 128 -18.17 15.51 -12.40
CA LEU A 128 -19.21 14.82 -11.64
C LEU A 128 -19.13 15.11 -10.14
N ALA A 129 -18.09 15.84 -9.73
CA ALA A 129 -17.90 16.18 -8.33
C ALA A 129 -17.79 14.93 -7.45
N ILE A 130 -16.98 13.97 -7.88
CA ILE A 130 -16.79 12.75 -7.11
C ILE A 130 -15.70 13.09 -6.10
N GLU A 131 -16.00 12.93 -4.82
CA GLU A 131 -15.02 13.24 -3.79
C GLU A 131 -13.84 12.29 -3.71
N GLY A 132 -12.68 12.85 -3.37
CA GLY A 132 -11.47 12.06 -3.21
C GLY A 132 -10.71 11.62 -4.44
N MET A 133 -11.42 11.31 -5.51
CA MET A 133 -10.78 10.82 -6.73
C MET A 133 -9.95 11.84 -7.52
N VAL A 134 -10.24 13.12 -7.35
CA VAL A 134 -9.49 14.14 -8.05
C VAL A 134 -8.06 14.12 -7.50
N GLU A 135 -7.95 14.15 -6.17
CA GLU A 135 -6.66 14.10 -5.52
C GLU A 135 -5.94 12.79 -5.82
N ASP A 136 -6.66 11.67 -5.78
CA ASP A 136 -6.08 10.36 -6.05
C ASP A 136 -5.49 10.22 -7.45
N LEU A 137 -6.23 10.65 -8.45
CA LEU A 137 -5.75 10.56 -9.83
C LEU A 137 -4.52 11.44 -10.03
N ILE A 138 -4.53 12.63 -9.45
CA ILE A 138 -3.40 13.54 -9.55
C ILE A 138 -2.18 12.93 -8.88
N THR A 139 -2.36 12.43 -7.67
CA THR A 139 -1.27 11.82 -6.92
C THR A 139 -0.73 10.60 -7.67
N ALA A 140 -1.62 9.90 -8.38
CA ALA A 140 -1.23 8.72 -9.15
C ALA A 140 -0.55 9.13 -10.44
N ASP A 141 -0.38 10.43 -10.63
CA ASP A 141 0.28 11.02 -11.80
C ASP A 141 -0.52 11.06 -13.12
N ALA A 142 -1.84 11.17 -13.03
CA ALA A 142 -2.64 11.27 -14.24
C ALA A 142 -2.29 12.62 -14.86
N ASP A 143 -2.45 12.76 -16.17
CA ASP A 143 -2.14 14.02 -16.84
C ASP A 143 -3.15 15.07 -16.36
N ILE A 144 -2.68 15.98 -15.53
CA ILE A 144 -3.52 17.04 -14.95
C ILE A 144 -4.04 18.08 -15.95
N ASN A 145 -3.37 18.24 -17.08
CA ASN A 145 -3.82 19.22 -18.07
C ASN A 145 -4.50 18.65 -19.30
N ALA A 146 -4.85 17.36 -19.27
CA ALA A 146 -5.51 16.75 -20.41
C ALA A 146 -6.85 17.46 -20.64
N ALA A 147 -7.29 17.55 -21.89
CA ALA A 147 -8.54 18.22 -22.22
C ALA A 147 -9.42 17.36 -23.12
N ASP A 148 -10.74 17.46 -22.96
CA ASP A 148 -11.63 16.69 -23.83
C ASP A 148 -11.59 17.29 -25.23
N ASN A 149 -12.40 16.77 -26.14
CA ASN A 149 -12.39 17.28 -27.51
C ASN A 149 -12.86 18.72 -27.72
N SER A 150 -13.39 19.36 -26.68
CA SER A 150 -13.81 20.75 -26.82
C SER A 150 -12.71 21.64 -26.23
N GLY A 151 -11.61 21.01 -25.83
CA GLY A 151 -10.49 21.74 -25.25
C GLY A 151 -10.61 22.03 -23.76
N LYS A 152 -11.59 21.42 -23.10
CA LYS A 152 -11.80 21.66 -21.68
C LYS A 152 -11.08 20.67 -20.77
N THR A 153 -10.29 21.22 -19.85
CA THR A 153 -9.53 20.43 -18.89
C THR A 153 -10.39 20.10 -17.68
N ALA A 154 -9.80 19.38 -16.73
CA ALA A 154 -10.51 19.04 -15.50
C ALA A 154 -10.84 20.33 -14.77
N LEU A 155 -9.90 21.29 -14.83
CA LEU A 155 -10.08 22.58 -14.17
C LEU A 155 -11.21 23.38 -14.84
N HIS A 156 -11.30 23.30 -16.17
CA HIS A 156 -12.38 23.99 -16.88
C HIS A 156 -13.71 23.46 -16.36
N TRP A 157 -13.84 22.13 -16.35
CA TRP A 157 -15.07 21.52 -15.90
C TRP A 157 -15.43 21.74 -14.44
N ALA A 158 -14.43 21.70 -13.57
CA ALA A 158 -14.68 21.93 -12.14
C ALA A 158 -15.25 23.35 -11.96
N ALA A 159 -14.70 24.29 -12.71
CA ALA A 159 -15.14 25.68 -12.65
C ALA A 159 -16.57 25.80 -13.17
N ALA A 160 -16.86 25.14 -14.28
CA ALA A 160 -18.19 25.18 -14.90
C ALA A 160 -19.33 24.67 -13.99
N VAL A 161 -19.06 23.65 -13.18
CA VAL A 161 -20.09 23.09 -12.29
C VAL A 161 -19.92 23.53 -10.84
N ASN A 162 -19.05 24.50 -10.61
CA ASN A 162 -18.76 25.03 -9.28
C ASN A 162 -18.26 23.98 -8.29
N ASN A 163 -17.44 23.07 -8.77
CA ASN A 163 -16.85 22.06 -7.90
C ASN A 163 -15.62 22.76 -7.34
N THR A 164 -15.85 23.65 -6.39
CA THR A 164 -14.76 24.44 -5.82
C THR A 164 -13.67 23.61 -5.15
N GLU A 165 -14.04 22.48 -4.54
CA GLU A 165 -13.05 21.63 -3.90
C GLU A 165 -12.05 21.12 -4.93
N ALA A 166 -12.55 20.69 -6.08
CA ALA A 166 -11.71 20.19 -7.15
C ALA A 166 -10.87 21.32 -7.73
N VAL A 167 -11.47 22.51 -7.85
CA VAL A 167 -10.75 23.67 -8.36
C VAL A 167 -9.52 23.93 -7.49
N ASN A 168 -9.70 23.95 -6.17
CA ASN A 168 -8.58 24.18 -5.27
C ASN A 168 -7.53 23.07 -5.28
N ILE A 169 -7.97 21.82 -5.39
CA ILE A 169 -7.03 20.71 -5.42
C ILE A 169 -6.22 20.78 -6.71
N LEU A 170 -6.90 21.01 -7.83
CA LEU A 170 -6.22 21.11 -9.12
C LEU A 170 -5.21 22.25 -9.12
N LEU A 171 -5.59 23.39 -8.57
CA LEU A 171 -4.71 24.54 -8.51
C LEU A 171 -3.52 24.30 -7.56
N MET A 172 -3.77 23.60 -6.46
CA MET A 172 -2.70 23.32 -5.50
C MET A 172 -1.62 22.47 -6.18
N HIS A 173 -2.05 21.60 -7.08
CA HIS A 173 -1.15 20.73 -7.81
C HIS A 173 -0.69 21.32 -9.15
N HIS A 174 -0.78 22.63 -9.26
CA HIS A 174 -0.33 23.37 -10.44
C HIS A 174 -0.99 23.11 -11.79
N ALA A 175 -2.29 22.84 -11.80
CA ALA A 175 -2.99 22.67 -13.07
C ALA A 175 -2.89 24.03 -13.77
N ASN A 176 -2.75 24.02 -15.09
CA ASN A 176 -2.64 25.28 -15.84
C ASN A 176 -3.91 26.12 -15.62
N ARG A 177 -3.79 27.15 -14.79
CA ARG A 177 -4.91 28.01 -14.43
C ARG A 177 -5.52 28.86 -15.54
N ASP A 178 -4.72 29.26 -16.53
CA ASP A 178 -5.22 30.07 -17.62
C ASP A 178 -5.44 29.29 -18.91
N ALA A 179 -5.52 27.97 -18.81
CA ALA A 179 -5.71 27.14 -20.00
C ALA A 179 -6.97 27.58 -20.75
N GLN A 180 -6.90 27.58 -22.08
CA GLN A 180 -8.04 27.98 -22.91
C GLN A 180 -8.60 26.81 -23.74
N ASP A 181 -9.92 26.69 -23.79
CA ASP A 181 -10.51 25.62 -24.60
C ASP A 181 -10.58 26.03 -26.07
N ASP A 182 -11.27 25.24 -26.88
CA ASP A 182 -11.36 25.54 -28.31
C ASP A 182 -11.99 26.90 -28.63
N LYS A 183 -12.76 27.45 -27.69
CA LYS A 183 -13.39 28.75 -27.88
C LYS A 183 -12.62 29.81 -27.11
N ASP A 184 -11.37 29.48 -26.77
CA ASP A 184 -10.48 30.36 -26.01
C ASP A 184 -11.02 30.77 -24.65
N GLU A 185 -11.90 29.95 -24.09
CA GLU A 185 -12.48 30.22 -22.78
C GLU A 185 -11.55 29.65 -21.70
N THR A 186 -11.30 30.44 -20.67
CA THR A 186 -10.47 30.00 -19.56
C THR A 186 -11.43 29.44 -18.51
N PRO A 187 -10.89 28.73 -17.50
CA PRO A 187 -11.77 28.19 -16.46
C PRO A 187 -12.56 29.33 -15.80
N LEU A 188 -11.89 30.48 -15.60
CA LEU A 188 -12.56 31.63 -14.98
C LEU A 188 -13.72 32.10 -15.84
N PHE A 189 -13.53 32.09 -17.16
CA PHE A 189 -14.59 32.50 -18.08
C PHE A 189 -15.79 31.58 -17.91
N LEU A 190 -15.55 30.27 -17.83
CA LEU A 190 -16.64 29.32 -17.66
C LEU A 190 -17.35 29.46 -16.33
N ALA A 191 -16.59 29.75 -15.26
CA ALA A 191 -17.21 29.91 -13.94
C ALA A 191 -18.12 31.15 -13.97
N ALA A 192 -17.68 32.18 -14.68
CA ALA A 192 -18.47 33.41 -14.80
C ALA A 192 -19.70 33.15 -15.66
N ARG A 193 -19.51 32.39 -16.73
CA ARG A 193 -20.58 32.06 -17.66
C ARG A 193 -21.64 31.16 -17.04
N GLU A 194 -21.20 30.20 -16.23
CA GLU A 194 -22.13 29.25 -15.64
C GLU A 194 -22.58 29.58 -14.23
N GLY A 195 -22.28 30.79 -13.77
CA GLY A 195 -22.71 31.20 -12.44
C GLY A 195 -22.17 30.35 -11.30
N SER A 196 -20.84 30.24 -11.23
CA SER A 196 -20.15 29.48 -10.19
C SER A 196 -19.38 30.50 -9.36
N TYR A 197 -20.07 31.13 -8.43
CA TYR A 197 -19.45 32.15 -7.60
C TYR A 197 -18.23 31.67 -6.82
N GLU A 198 -18.38 30.58 -6.08
CA GLU A 198 -17.29 30.06 -5.28
C GLU A 198 -16.06 29.68 -6.13
N ALA A 199 -16.30 29.05 -7.28
CA ALA A 199 -15.21 28.66 -8.16
C ALA A 199 -14.51 29.88 -8.74
N SER A 200 -15.29 30.92 -9.06
CA SER A 200 -14.72 32.15 -9.62
C SER A 200 -13.77 32.78 -8.62
N LYS A 201 -14.19 32.85 -7.36
CA LYS A 201 -13.36 33.44 -6.32
C LYS A 201 -12.08 32.66 -6.12
N ALA A 202 -12.19 31.32 -6.15
CA ALA A 202 -11.04 30.44 -5.97
C ALA A 202 -10.01 30.68 -7.08
N LEU A 203 -10.48 30.81 -8.30
CA LEU A 203 -9.57 31.06 -9.43
C LEU A 203 -8.92 32.44 -9.30
N LEU A 204 -9.71 33.45 -8.95
CA LEU A 204 -9.20 34.80 -8.79
C LEU A 204 -8.16 34.88 -7.66
N ASP A 205 -8.44 34.23 -6.54
CA ASP A 205 -7.51 34.23 -5.41
C ASP A 205 -6.21 33.56 -5.80
N ASN A 206 -6.24 32.76 -6.86
CA ASN A 206 -5.04 32.08 -7.32
C ASN A 206 -4.45 32.74 -8.55
N PHE A 207 -4.79 34.02 -8.71
CA PHE A 207 -4.31 34.87 -9.78
C PHE A 207 -4.65 34.50 -11.23
N ALA A 208 -5.82 33.90 -11.44
CA ALA A 208 -6.23 33.56 -12.79
C ALA A 208 -6.35 34.92 -13.50
N ASN A 209 -5.95 34.96 -14.77
CA ASN A 209 -6.02 36.22 -15.52
C ASN A 209 -7.44 36.50 -16.00
N ARG A 210 -8.09 37.49 -15.39
CA ARG A 210 -9.46 37.86 -15.76
C ARG A 210 -9.57 38.62 -17.09
N GLU A 211 -8.43 39.02 -17.68
CA GLU A 211 -8.45 39.81 -18.91
C GLU A 211 -8.40 38.91 -20.14
N ILE A 212 -8.19 37.63 -20.01
CA ILE A 212 -8.14 36.72 -21.15
C ILE A 212 -9.55 36.52 -21.68
N THR A 213 -9.79 36.98 -22.90
CA THR A 213 -11.10 36.89 -23.54
C THR A 213 -11.31 35.61 -24.33
N ASP A 214 -12.57 35.33 -24.68
CA ASP A 214 -12.88 34.14 -25.45
C ASP A 214 -12.69 34.45 -26.93
N HIS A 215 -13.08 33.53 -27.81
CA HIS A 215 -12.92 33.73 -29.24
C HIS A 215 -13.68 34.92 -29.82
N MET A 216 -14.63 35.46 -29.04
CA MET A 216 -15.41 36.61 -29.50
C MET A 216 -15.00 37.88 -28.76
N ASP A 217 -13.80 37.87 -28.19
CA ASP A 217 -13.28 39.01 -27.45
C ASP A 217 -14.12 39.39 -26.24
N ARG A 218 -14.83 38.41 -25.69
CA ARG A 218 -15.65 38.65 -24.51
C ARG A 218 -14.87 38.32 -23.24
N LEU A 219 -14.94 39.23 -22.28
CA LEU A 219 -14.26 39.07 -21.00
C LEU A 219 -15.15 38.27 -20.08
N PRO A 220 -14.56 37.63 -19.06
CA PRO A 220 -15.39 36.85 -18.12
C PRO A 220 -16.47 37.80 -17.58
N ARG A 221 -16.09 39.05 -17.37
CA ARG A 221 -17.00 40.06 -16.85
C ARG A 221 -18.14 40.33 -17.82
N ASP A 222 -17.87 40.23 -19.11
CA ASP A 222 -18.88 40.47 -20.14
C ASP A 222 -19.95 39.39 -20.11
N VAL A 223 -19.52 38.12 -20.08
CA VAL A 223 -20.47 37.03 -20.08
C VAL A 223 -21.25 36.96 -18.76
N ALA A 224 -20.62 37.41 -17.68
CA ALA A 224 -21.29 37.41 -16.39
C ALA A 224 -22.34 38.51 -16.36
N SER A 225 -21.98 39.67 -16.90
CA SER A 225 -22.90 40.81 -16.95
C SER A 225 -24.10 40.46 -17.84
N GLU A 226 -23.81 39.88 -19.00
CA GLU A 226 -24.85 39.50 -19.95
C GLU A 226 -25.85 38.50 -19.36
N ARG A 227 -25.37 37.63 -18.47
CA ARG A 227 -26.25 36.64 -17.86
C ARG A 227 -26.74 37.08 -16.48
N LEU A 228 -26.49 38.35 -16.16
CA LEU A 228 -26.93 38.94 -14.91
C LEU A 228 -26.32 38.33 -13.65
N HIS A 229 -25.08 37.86 -13.76
CA HIS A 229 -24.38 37.28 -12.62
C HIS A 229 -23.65 38.43 -11.93
N HIS A 230 -24.44 39.36 -11.39
CA HIS A 230 -23.93 40.56 -10.73
C HIS A 230 -22.91 40.30 -9.62
N ASP A 231 -23.12 39.25 -8.85
CA ASP A 231 -22.19 38.91 -7.78
C ASP A 231 -20.81 38.61 -8.34
N ILE A 232 -20.77 37.90 -9.46
CA ILE A 232 -19.50 37.55 -10.10
C ILE A 232 -18.89 38.78 -10.75
N VAL A 233 -19.74 39.66 -11.26
CA VAL A 233 -19.26 40.90 -11.89
C VAL A 233 -18.54 41.76 -10.85
N ARG A 234 -19.12 41.87 -9.66
CA ARG A 234 -18.51 42.66 -8.61
C ARG A 234 -17.19 42.03 -8.22
N LEU A 235 -17.18 40.70 -8.15
CA LEU A 235 -15.99 39.94 -7.80
C LEU A 235 -14.86 40.24 -8.77
N LEU A 236 -15.18 40.24 -10.07
CA LEU A 236 -14.19 40.51 -11.11
C LEU A 236 -13.71 41.94 -11.06
N ASP A 237 -14.52 42.85 -10.52
CA ASP A 237 -14.16 44.25 -10.40
C ASP A 237 -13.35 44.50 -9.13
N LEU B 36 19.14 10.52 37.06
CA LEU B 36 17.84 10.50 37.79
C LEU B 36 17.11 9.18 37.64
N LEU B 37 16.14 8.95 38.53
CA LEU B 37 15.34 7.74 38.50
C LEU B 37 14.24 7.88 37.45
N ALA B 38 14.35 8.93 36.65
CA ALA B 38 13.37 9.20 35.59
C ALA B 38 13.55 8.11 34.54
N GLN B 39 14.74 7.52 34.53
CA GLN B 39 15.06 6.45 33.60
C GLN B 39 14.33 5.19 34.05
N GLY B 40 14.21 5.01 35.36
CA GLY B 40 13.51 3.86 35.88
C GLY B 40 12.04 3.93 35.49
N ALA B 41 11.50 5.14 35.51
CA ALA B 41 10.10 5.35 35.14
C ALA B 41 9.90 5.04 33.66
N GLU B 42 10.85 5.46 32.83
CA GLU B 42 10.77 5.22 31.40
C GLU B 42 10.84 3.73 31.13
N LEU B 43 11.71 3.03 31.85
CA LEU B 43 11.85 1.60 31.69
C LEU B 43 10.52 0.90 32.01
N ASN B 44 9.84 1.38 33.05
CA ASN B 44 8.56 0.80 33.43
C ASN B 44 7.51 1.09 32.36
N ALA B 45 7.51 2.31 31.85
CA ALA B 45 6.55 2.69 30.82
C ALA B 45 6.74 1.83 29.59
N THR B 46 8.00 1.59 29.22
CA THR B 46 8.30 0.75 28.06
C THR B 46 7.79 -0.66 28.24
N MET B 47 8.15 -1.29 29.36
CA MET B 47 7.71 -2.65 29.64
C MET B 47 6.20 -2.75 29.60
N ASP B 48 5.52 -1.72 30.10
CA ASP B 48 4.08 -1.70 30.13
C ASP B 48 3.50 -1.76 28.73
N LYS B 49 4.17 -1.13 27.75
CA LYS B 49 3.66 -1.08 26.39
C LYS B 49 4.15 -2.29 25.60
N THR B 50 5.40 -2.70 25.72
CA THR B 50 5.96 -3.81 24.94
C THR B 50 5.76 -5.21 25.51
N GLY B 51 5.53 -5.31 26.82
CA GLY B 51 5.36 -6.61 27.43
C GLY B 51 6.70 -7.25 27.74
N GLU B 52 7.76 -6.46 27.60
CA GLU B 52 9.12 -6.94 27.86
C GLU B 52 9.42 -7.07 29.36
N THR B 53 10.24 -8.05 29.71
CA THR B 53 10.64 -8.26 31.09
C THR B 53 11.97 -7.55 31.26
N SER B 54 12.50 -7.55 32.48
CA SER B 54 13.79 -6.92 32.75
C SER B 54 14.89 -7.56 31.94
N LEU B 55 14.80 -8.87 31.72
CA LEU B 55 15.82 -9.58 30.95
C LEU B 55 15.75 -9.14 29.48
N HIS B 56 14.55 -8.90 28.98
CA HIS B 56 14.37 -8.43 27.61
C HIS B 56 15.11 -7.11 27.44
N LEU B 57 14.98 -6.22 28.42
CA LEU B 57 15.62 -4.92 28.35
C LEU B 57 17.14 -5.00 28.47
N ALA B 58 17.62 -5.92 29.30
CA ALA B 58 19.07 -6.08 29.43
C ALA B 58 19.59 -6.49 28.06
N ALA B 59 18.83 -7.34 27.38
CA ALA B 59 19.20 -7.80 26.04
C ALA B 59 19.12 -6.67 25.02
N ARG B 60 17.99 -5.95 25.00
CA ARG B 60 17.81 -4.86 24.05
C ARG B 60 18.79 -3.71 24.23
N PHE B 61 19.15 -3.41 25.48
CA PHE B 61 20.11 -2.33 25.71
C PHE B 61 21.53 -2.84 25.94
N ALA B 62 21.75 -4.08 25.54
CA ALA B 62 23.07 -4.72 25.63
C ALA B 62 23.80 -4.54 26.95
N ARG B 63 23.28 -5.16 28.01
CA ARG B 63 23.93 -5.09 29.32
C ARG B 63 24.27 -6.51 29.75
N ALA B 64 25.48 -6.93 29.44
CA ALA B 64 25.92 -8.27 29.81
C ALA B 64 25.89 -8.42 31.33
N ASP B 65 26.27 -7.36 32.05
CA ASP B 65 26.28 -7.42 33.50
C ASP B 65 24.89 -7.64 34.08
N ALA B 66 23.92 -6.82 33.66
CA ALA B 66 22.56 -6.95 34.15
C ALA B 66 21.94 -8.30 33.79
N ALA B 67 22.22 -8.78 32.58
CA ALA B 67 21.68 -10.05 32.13
C ALA B 67 22.05 -11.20 33.07
N LYS B 68 23.32 -11.25 33.48
CA LYS B 68 23.78 -12.31 34.37
C LYS B 68 23.08 -12.21 35.73
N ARG B 69 23.05 -11.01 36.29
CA ARG B 69 22.41 -10.79 37.59
C ARG B 69 20.97 -11.27 37.57
N LEU B 70 20.23 -10.86 36.53
CA LEU B 70 18.83 -11.25 36.41
C LEU B 70 18.66 -12.76 36.29
N LEU B 71 19.48 -13.39 35.44
CA LEU B 71 19.39 -14.83 35.27
C LEU B 71 19.74 -15.55 36.58
N ASP B 72 20.78 -15.08 37.27
CA ASP B 72 21.16 -15.70 38.54
C ASP B 72 20.03 -15.55 39.55
N ALA B 73 19.31 -14.43 39.48
CA ALA B 73 18.20 -14.19 40.40
C ALA B 73 16.98 -15.01 40.01
N GLY B 74 17.09 -15.77 38.93
CA GLY B 74 15.99 -16.62 38.49
C GLY B 74 15.11 -16.18 37.33
N ALA B 75 15.51 -15.15 36.61
CA ALA B 75 14.70 -14.67 35.48
C ALA B 75 14.42 -15.79 34.48
N ASP B 76 13.24 -15.75 33.87
CA ASP B 76 12.84 -16.76 32.88
C ASP B 76 13.50 -16.39 31.55
N ALA B 77 14.41 -17.25 31.09
CA ALA B 77 15.12 -17.01 29.85
C ALA B 77 14.23 -17.05 28.61
N ASN B 78 13.04 -17.64 28.74
CA ASN B 78 12.15 -17.76 27.61
C ASN B 78 10.84 -16.96 27.69
N SER B 79 10.80 -15.97 28.57
CA SER B 79 9.60 -15.15 28.71
C SER B 79 9.39 -14.43 27.37
N GLN B 80 8.13 -14.23 26.99
CA GLN B 80 7.83 -13.57 25.72
C GLN B 80 7.20 -12.20 25.89
N ASP B 81 7.56 -11.26 25.03
CA ASP B 81 6.98 -9.93 25.09
C ASP B 81 5.73 -9.97 24.21
N ASN B 82 5.13 -8.81 23.93
CA ASN B 82 3.91 -8.78 23.14
C ASN B 82 3.98 -9.33 21.71
N THR B 83 5.19 -9.43 21.14
CA THR B 83 5.32 -9.97 19.80
C THR B 83 5.76 -11.43 19.81
N GLY B 84 5.98 -11.97 21.01
CA GLY B 84 6.38 -13.35 21.12
C GLY B 84 7.89 -13.51 21.21
N ARG B 85 8.61 -12.40 21.27
CA ARG B 85 10.07 -12.44 21.36
C ARG B 85 10.53 -12.80 22.78
N THR B 86 11.57 -13.60 22.86
CA THR B 86 12.16 -13.96 24.15
C THR B 86 13.40 -13.08 24.23
N PRO B 87 14.09 -13.07 25.37
CA PRO B 87 15.29 -12.24 25.46
C PRO B 87 16.35 -12.58 24.39
N LEU B 88 16.32 -13.82 23.90
CA LEU B 88 17.29 -14.21 22.88
C LEU B 88 16.98 -13.46 21.57
N HIS B 89 15.70 -13.39 21.19
CA HIS B 89 15.31 -12.66 19.99
C HIS B 89 15.81 -11.23 20.14
N ALA B 90 15.55 -10.64 21.30
CA ALA B 90 15.94 -9.27 21.59
C ALA B 90 17.45 -9.02 21.49
N ALA B 91 18.25 -9.97 22.00
CA ALA B 91 19.70 -9.83 21.96
C ALA B 91 20.19 -9.87 20.52
N VAL B 92 19.56 -10.70 19.70
CA VAL B 92 19.93 -10.80 18.30
C VAL B 92 19.61 -9.50 17.58
N ALA B 93 18.39 -9.00 17.74
CA ALA B 93 17.96 -7.77 17.08
C ALA B 93 18.79 -6.56 17.47
N ALA B 94 19.23 -6.51 18.73
CA ALA B 94 20.04 -5.40 19.20
C ALA B 94 21.54 -5.63 19.01
N ASP B 95 21.90 -6.81 18.51
CA ASP B 95 23.31 -7.18 18.31
C ASP B 95 24.05 -7.06 19.65
N ALA B 96 23.44 -7.60 20.69
CA ALA B 96 24.01 -7.63 22.03
C ALA B 96 24.72 -8.98 22.14
N MET B 97 25.90 -9.07 21.55
CA MET B 97 26.67 -10.30 21.55
C MET B 97 26.96 -10.83 22.95
N GLY B 98 27.21 -9.93 23.90
CA GLY B 98 27.48 -10.34 25.26
C GLY B 98 26.29 -11.06 25.86
N VAL B 99 25.13 -10.40 25.87
CA VAL B 99 23.91 -11.01 26.41
C VAL B 99 23.58 -12.28 25.65
N PHE B 100 23.77 -12.23 24.34
CA PHE B 100 23.51 -13.37 23.46
C PHE B 100 24.29 -14.62 23.92
N GLN B 101 25.59 -14.45 24.20
CA GLN B 101 26.40 -15.57 24.65
C GLN B 101 25.95 -16.06 26.03
N ILE B 102 25.58 -15.12 26.88
CA ILE B 102 25.13 -15.47 28.21
C ILE B 102 23.85 -16.31 28.15
N LEU B 103 22.97 -15.98 27.21
CA LEU B 103 21.73 -16.75 27.05
C LEU B 103 22.02 -18.11 26.42
N LEU B 104 22.99 -18.15 25.51
CA LEU B 104 23.35 -19.38 24.84
C LEU B 104 23.97 -20.41 25.78
N ARG B 105 24.71 -19.94 26.78
CA ARG B 105 25.34 -20.85 27.72
C ARG B 105 24.36 -21.35 28.79
N ASN B 106 23.18 -20.74 28.83
CA ASN B 106 22.14 -21.12 29.78
C ASN B 106 21.37 -22.28 29.17
N ARG B 107 21.37 -23.45 29.80
CA ARG B 107 20.75 -24.66 29.27
C ARG B 107 19.26 -24.47 29.11
N ALA B 108 18.59 -23.63 29.87
CA ALA B 108 17.16 -23.44 29.78
C ALA B 108 16.71 -22.67 28.54
N THR B 109 17.63 -21.91 27.94
CA THR B 109 17.30 -21.12 26.76
C THR B 109 16.84 -21.95 25.57
N ASN B 110 15.69 -21.57 24.99
CA ASN B 110 15.16 -22.27 23.83
C ASN B 110 15.67 -21.55 22.58
N LEU B 111 16.64 -22.16 21.90
CA LEU B 111 17.23 -21.56 20.70
C LEU B 111 16.27 -21.49 19.52
N ASN B 112 15.19 -22.29 19.56
CA ASN B 112 14.22 -22.32 18.47
C ASN B 112 12.93 -21.58 18.83
N ALA B 113 13.00 -20.70 19.84
CA ALA B 113 11.83 -19.94 20.27
C ALA B 113 11.23 -19.17 19.09
N ARG B 114 9.91 -19.19 18.99
CA ARG B 114 9.22 -18.54 17.89
C ARG B 114 8.40 -17.32 18.29
N MET B 115 8.51 -16.26 17.49
CA MET B 115 7.71 -15.06 17.71
C MET B 115 6.31 -15.47 17.28
N HIS B 116 5.31 -14.63 17.53
CA HIS B 116 3.96 -15.00 17.13
C HIS B 116 3.87 -15.27 15.63
N ASP B 117 4.79 -14.71 14.84
CA ASP B 117 4.77 -14.93 13.40
C ASP B 117 5.68 -16.09 13.00
N GLY B 118 6.15 -16.84 13.98
CA GLY B 118 6.99 -17.99 13.72
C GLY B 118 8.49 -17.75 13.57
N THR B 119 8.90 -16.49 13.62
CA THR B 119 10.31 -16.14 13.48
C THR B 119 11.16 -16.64 14.64
N THR B 120 12.29 -17.26 14.31
CA THR B 120 13.23 -17.79 15.30
C THR B 120 14.43 -16.85 15.42
N PRO B 121 15.27 -17.05 16.45
CA PRO B 121 16.45 -16.20 16.61
C PRO B 121 17.38 -16.26 15.40
N LEU B 122 17.50 -17.44 14.81
CA LEU B 122 18.38 -17.63 13.65
C LEU B 122 17.82 -16.88 12.44
N ILE B 123 16.51 -16.96 12.23
CA ILE B 123 15.90 -16.25 11.10
C ILE B 123 16.14 -14.76 11.30
N LEU B 124 15.97 -14.28 12.53
CA LEU B 124 16.20 -12.86 12.83
C LEU B 124 17.65 -12.46 12.53
N ALA B 125 18.58 -13.30 12.95
CA ALA B 125 20.01 -13.01 12.73
C ALA B 125 20.29 -12.85 11.24
N ALA B 126 19.66 -13.69 10.43
CA ALA B 126 19.85 -13.65 8.98
C ALA B 126 19.16 -12.42 8.36
N ARG B 127 17.89 -12.23 8.71
CA ARG B 127 17.12 -11.11 8.15
C ARG B 127 17.66 -9.75 8.55
N LEU B 128 18.16 -9.62 9.79
CA LEU B 128 18.68 -8.36 10.27
C LEU B 128 20.18 -8.18 10.00
N ALA B 129 20.80 -9.18 9.38
CA ALA B 129 22.22 -9.13 9.06
C ALA B 129 23.10 -8.89 10.29
N ILE B 130 22.86 -9.65 11.35
CA ILE B 130 23.65 -9.50 12.56
C ILE B 130 24.90 -10.39 12.41
N GLU B 131 26.07 -9.81 12.57
CA GLU B 131 27.35 -10.49 12.39
C GLU B 131 27.59 -11.53 13.49
N GLY B 132 28.19 -12.66 13.05
CA GLY B 132 28.57 -13.74 13.95
C GLY B 132 27.51 -14.63 14.60
N MET B 133 26.30 -14.12 14.76
CA MET B 133 25.24 -14.88 15.42
C MET B 133 24.64 -16.01 14.61
N VAL B 134 24.72 -15.92 13.29
CA VAL B 134 24.21 -16.97 12.44
C VAL B 134 25.07 -18.20 12.71
N GLU B 135 26.39 -18.04 12.63
CA GLU B 135 27.31 -19.14 12.90
C GLU B 135 27.13 -19.65 14.33
N ASP B 136 26.98 -18.74 15.28
CA ASP B 136 26.81 -19.15 16.68
C ASP B 136 25.58 -20.01 16.92
N LEU B 137 24.43 -19.60 16.41
CA LEU B 137 23.20 -20.36 16.61
C LEU B 137 23.28 -21.73 15.96
N ILE B 138 23.85 -21.78 14.76
CA ILE B 138 23.98 -23.04 14.05
C ILE B 138 24.89 -23.98 14.86
N THR B 139 26.04 -23.46 15.28
CA THR B 139 26.99 -24.26 16.06
C THR B 139 26.36 -24.71 17.38
N ALA B 140 25.45 -23.90 17.91
CA ALA B 140 24.78 -24.21 19.17
C ALA B 140 23.67 -25.24 18.96
N ASP B 141 23.53 -25.67 17.70
CA ASP B 141 22.55 -26.68 17.29
C ASP B 141 21.10 -26.20 17.10
N ALA B 142 20.92 -24.93 16.78
CA ALA B 142 19.58 -24.40 16.52
C ALA B 142 19.06 -25.09 15.25
N ASP B 143 17.74 -25.25 15.13
CA ASP B 143 17.18 -25.85 13.94
C ASP B 143 17.46 -25.01 12.71
N ILE B 144 18.38 -25.45 11.87
CA ILE B 144 18.81 -24.69 10.70
C ILE B 144 17.74 -24.50 9.62
N ASN B 145 16.79 -25.42 9.52
CA ASN B 145 15.75 -25.31 8.51
C ASN B 145 14.39 -24.87 9.04
N ALA B 146 14.36 -24.33 10.26
CA ALA B 146 13.10 -23.86 10.82
C ALA B 146 12.58 -22.73 9.93
N ALA B 147 11.26 -22.59 9.83
CA ALA B 147 10.68 -21.55 8.99
C ALA B 147 9.60 -20.76 9.73
N ASP B 148 9.42 -19.50 9.36
CA ASP B 148 8.39 -18.70 9.99
C ASP B 148 7.04 -19.15 9.44
N ASN B 149 5.97 -18.51 9.88
CA ASN B 149 4.63 -18.88 9.43
C ASN B 149 4.39 -18.74 7.92
N SER B 150 5.28 -18.06 7.21
CA SER B 150 5.10 -17.92 5.77
C SER B 150 5.94 -18.99 5.07
N GLY B 151 6.54 -19.87 5.87
CA GLY B 151 7.34 -20.95 5.34
C GLY B 151 8.75 -20.54 4.92
N LYS B 152 9.20 -19.37 5.39
CA LYS B 152 10.53 -18.90 5.04
C LYS B 152 11.57 -19.25 6.10
N THR B 153 12.67 -19.85 5.65
CA THR B 153 13.76 -20.25 6.52
C THR B 153 14.75 -19.09 6.66
N ALA B 154 15.77 -19.28 7.49
CA ALA B 154 16.78 -18.26 7.66
C ALA B 154 17.45 -18.01 6.32
N LEU B 155 17.62 -19.07 5.52
CA LEU B 155 18.25 -18.92 4.21
C LEU B 155 17.35 -18.13 3.26
N HIS B 156 16.04 -18.33 3.35
CA HIS B 156 15.11 -17.57 2.50
C HIS B 156 15.31 -16.08 2.79
N TRP B 157 15.29 -15.72 4.07
CA TRP B 157 15.44 -14.34 4.47
C TRP B 157 16.80 -13.72 4.17
N ALA B 158 17.86 -14.51 4.32
CA ALA B 158 19.20 -14.00 4.02
C ALA B 158 19.23 -13.66 2.53
N ALA B 159 18.64 -14.53 1.71
CA ALA B 159 18.62 -14.29 0.26
C ALA B 159 17.80 -13.04 -0.07
N ALA B 160 16.66 -12.87 0.60
CA ALA B 160 15.78 -11.72 0.37
C ALA B 160 16.45 -10.37 0.68
N VAL B 161 17.28 -10.32 1.71
CA VAL B 161 17.95 -9.06 2.07
C VAL B 161 19.39 -8.99 1.59
N ASN B 162 19.78 -9.94 0.74
CA ASN B 162 21.13 -9.99 0.21
C ASN B 162 22.21 -10.11 1.28
N ASN B 163 21.91 -10.88 2.33
CA ASN B 163 22.87 -11.11 3.40
C ASN B 163 23.72 -12.29 2.90
N THR B 164 24.63 -12.00 1.98
CA THR B 164 25.47 -13.01 1.38
C THR B 164 26.31 -13.80 2.38
N GLU B 165 26.78 -13.12 3.42
CA GLU B 165 27.59 -13.79 4.43
C GLU B 165 26.78 -14.90 5.12
N ALA B 166 25.54 -14.60 5.47
CA ALA B 166 24.70 -15.58 6.14
C ALA B 166 24.33 -16.70 5.18
N VAL B 167 24.13 -16.36 3.92
CA VAL B 167 23.80 -17.35 2.90
C VAL B 167 24.91 -18.39 2.83
N ASN B 168 26.16 -17.94 2.74
CA ASN B 168 27.28 -18.87 2.67
C ASN B 168 27.46 -19.71 3.92
N ILE B 169 27.26 -19.10 5.08
CA ILE B 169 27.39 -19.83 6.35
C ILE B 169 26.30 -20.90 6.41
N LEU B 170 25.07 -20.51 6.10
CA LEU B 170 23.96 -21.45 6.11
C LEU B 170 24.21 -22.58 5.13
N LEU B 171 24.64 -22.24 3.92
CA LEU B 171 24.91 -23.26 2.91
C LEU B 171 26.03 -24.20 3.36
N MET B 172 27.09 -23.62 3.90
CA MET B 172 28.23 -24.41 4.37
C MET B 172 27.80 -25.40 5.45
N HIS B 173 26.84 -25.00 6.28
CA HIS B 173 26.38 -25.89 7.34
C HIS B 173 25.20 -26.74 6.92
N HIS B 174 25.12 -26.99 5.62
CA HIS B 174 24.10 -27.86 5.02
C HIS B 174 22.64 -27.45 5.15
N ALA B 175 22.34 -26.15 5.14
CA ALA B 175 20.94 -25.74 5.21
C ALA B 175 20.31 -26.18 3.89
N ASN B 176 19.03 -26.52 3.90
CA ASN B 176 18.35 -26.94 2.67
C ASN B 176 18.33 -25.77 1.69
N ARG B 177 19.24 -25.78 0.72
CA ARG B 177 19.33 -24.68 -0.23
C ARG B 177 18.13 -24.56 -1.17
N ASP B 178 17.37 -25.63 -1.34
CA ASP B 178 16.20 -25.58 -2.22
C ASP B 178 14.88 -25.60 -1.46
N ALA B 179 14.90 -25.21 -0.19
CA ALA B 179 13.69 -25.17 0.61
C ALA B 179 12.67 -24.22 -0.02
N GLN B 180 11.39 -24.58 0.07
CA GLN B 180 10.32 -23.75 -0.49
C GLN B 180 9.37 -23.25 0.59
N ASP B 181 8.96 -21.98 0.50
CA ASP B 181 8.04 -21.45 1.48
C ASP B 181 6.61 -21.78 1.06
N ASP B 182 5.63 -21.18 1.74
CA ASP B 182 4.22 -21.44 1.44
C ASP B 182 3.84 -21.15 -0.01
N LYS B 183 4.54 -20.22 -0.65
CA LYS B 183 4.25 -19.88 -2.05
C LYS B 183 5.20 -20.64 -2.97
N ASP B 184 5.85 -21.67 -2.43
CA ASP B 184 6.80 -22.50 -3.18
C ASP B 184 8.04 -21.76 -3.69
N GLU B 185 8.34 -20.63 -3.06
CA GLU B 185 9.51 -19.84 -3.43
C GLU B 185 10.76 -20.40 -2.76
N THR B 186 11.83 -20.58 -3.53
CA THR B 186 13.09 -21.06 -2.98
C THR B 186 13.89 -19.81 -2.61
N PRO B 187 15.02 -19.98 -1.89
CA PRO B 187 15.81 -18.79 -1.54
C PRO B 187 16.29 -18.07 -2.80
N LEU B 188 16.60 -18.84 -3.84
CA LEU B 188 17.06 -18.27 -5.11
C LEU B 188 15.95 -17.44 -5.74
N PHE B 189 14.72 -17.94 -5.67
CA PHE B 189 13.60 -17.20 -6.24
C PHE B 189 13.50 -15.85 -5.54
N LEU B 190 13.61 -15.85 -4.21
CA LEU B 190 13.53 -14.61 -3.46
C LEU B 190 14.67 -13.65 -3.76
N ALA B 191 15.87 -14.18 -3.95
CA ALA B 191 17.02 -13.33 -4.26
C ALA B 191 16.77 -12.64 -5.60
N ALA B 192 16.15 -13.39 -6.52
CA ALA B 192 15.84 -12.88 -7.85
C ALA B 192 14.72 -11.85 -7.76
N ARG B 193 13.72 -12.14 -6.94
CA ARG B 193 12.57 -11.26 -6.74
C ARG B 193 12.94 -9.95 -6.05
N GLU B 194 13.85 -10.02 -5.08
CA GLU B 194 14.20 -8.83 -4.32
C GLU B 194 15.46 -8.08 -4.75
N GLY B 195 16.04 -8.47 -5.88
CA GLY B 195 17.24 -7.80 -6.36
C GLY B 195 18.46 -7.95 -5.46
N SER B 196 18.84 -9.20 -5.20
CA SER B 196 20.01 -9.49 -4.37
C SER B 196 21.03 -10.19 -5.26
N TYR B 197 21.83 -9.39 -5.95
CA TYR B 197 22.83 -9.93 -6.87
C TYR B 197 23.84 -10.87 -6.22
N GLU B 198 24.54 -10.40 -5.19
CA GLU B 198 25.55 -11.23 -4.53
C GLU B 198 24.99 -12.53 -3.95
N ALA B 199 23.79 -12.47 -3.38
CA ALA B 199 23.19 -13.66 -2.80
C ALA B 199 22.77 -14.63 -3.90
N SER B 200 22.32 -14.09 -5.03
CA SER B 200 21.90 -14.94 -6.15
C SER B 200 23.13 -15.71 -6.63
N LYS B 201 24.25 -15.01 -6.75
CA LYS B 201 25.48 -15.60 -7.22
C LYS B 201 25.96 -16.70 -6.27
N ALA B 202 25.84 -16.47 -4.97
CA ALA B 202 26.27 -17.45 -3.97
C ALA B 202 25.44 -18.73 -4.06
N LEU B 203 24.12 -18.57 -4.19
CA LEU B 203 23.23 -19.72 -4.28
C LEU B 203 23.52 -20.50 -5.57
N LEU B 204 23.66 -19.78 -6.68
CA LEU B 204 23.94 -20.43 -7.96
C LEU B 204 25.29 -21.13 -7.91
N ASP B 205 26.29 -20.49 -7.30
CA ASP B 205 27.61 -21.10 -7.21
C ASP B 205 27.58 -22.35 -6.35
N ASN B 206 26.57 -22.45 -5.49
CA ASN B 206 26.40 -23.63 -4.65
C ASN B 206 25.39 -24.59 -5.28
N PHE B 207 25.14 -24.39 -6.57
CA PHE B 207 24.24 -25.24 -7.34
C PHE B 207 22.77 -25.24 -6.91
N ALA B 208 22.27 -24.07 -6.50
CA ALA B 208 20.86 -23.98 -6.12
C ALA B 208 20.08 -24.29 -7.39
N ASN B 209 18.98 -25.03 -7.25
CA ASN B 209 18.16 -25.42 -8.40
C ASN B 209 17.34 -24.24 -8.95
N ARG B 210 17.71 -23.78 -10.15
CA ARG B 210 17.01 -22.65 -10.75
C ARG B 210 15.74 -23.02 -11.51
N GLU B 211 15.41 -24.31 -11.57
CA GLU B 211 14.21 -24.74 -12.27
C GLU B 211 13.00 -24.96 -11.36
N ILE B 212 13.19 -24.77 -10.06
CA ILE B 212 12.08 -24.93 -9.11
C ILE B 212 11.27 -23.64 -9.16
N THR B 213 10.00 -23.77 -9.53
CA THR B 213 9.10 -22.60 -9.67
C THR B 213 8.24 -22.34 -8.44
N ASP B 214 7.66 -21.14 -8.36
CA ASP B 214 6.79 -20.79 -7.25
C ASP B 214 5.39 -21.34 -7.51
N HIS B 215 4.43 -20.94 -6.69
CA HIS B 215 3.05 -21.44 -6.82
C HIS B 215 2.38 -21.07 -8.13
N MET B 216 2.90 -20.06 -8.83
CA MET B 216 2.33 -19.64 -10.10
C MET B 216 3.18 -20.11 -11.26
N ASP B 217 3.96 -21.16 -11.03
CA ASP B 217 4.84 -21.72 -12.05
C ASP B 217 5.85 -20.73 -12.61
N ARG B 218 6.23 -19.74 -11.83
CA ARG B 218 7.21 -18.78 -12.28
C ARG B 218 8.60 -19.20 -11.83
N LEU B 219 9.56 -19.13 -12.76
CA LEU B 219 10.94 -19.47 -12.46
C LEU B 219 11.62 -18.24 -11.87
N PRO B 220 12.75 -18.44 -11.18
CA PRO B 220 13.47 -17.31 -10.59
C PRO B 220 13.79 -16.32 -11.72
N ARG B 221 14.04 -16.87 -12.91
CA ARG B 221 14.36 -16.05 -14.08
C ARG B 221 13.17 -15.19 -14.47
N ASP B 222 11.98 -15.75 -14.34
CA ASP B 222 10.75 -15.05 -14.68
C ASP B 222 10.51 -13.84 -13.78
N VAL B 223 10.59 -14.05 -12.46
CA VAL B 223 10.36 -12.94 -11.54
C VAL B 223 11.46 -11.89 -11.71
N ALA B 224 12.69 -12.32 -11.99
CA ALA B 224 13.79 -11.39 -12.17
C ALA B 224 13.56 -10.54 -13.42
N SER B 225 13.14 -11.21 -14.49
CA SER B 225 12.88 -10.54 -15.75
C SER B 225 11.72 -9.56 -15.57
N GLU B 226 10.66 -10.02 -14.93
CA GLU B 226 9.49 -9.17 -14.71
C GLU B 226 9.87 -7.93 -13.91
N ARG B 227 10.80 -8.05 -12.97
CA ARG B 227 11.21 -6.91 -12.15
C ARG B 227 12.42 -6.18 -12.72
N LEU B 228 12.75 -6.49 -13.96
CA LEU B 228 13.85 -5.86 -14.66
C LEU B 228 15.22 -6.03 -13.99
N HIS B 229 15.40 -7.15 -13.29
CA HIS B 229 16.69 -7.43 -12.65
C HIS B 229 17.53 -8.16 -13.69
N HIS B 230 17.96 -7.39 -14.70
CA HIS B 230 18.74 -7.91 -15.83
C HIS B 230 20.01 -8.65 -15.45
N ASP B 231 20.69 -8.15 -14.42
CA ASP B 231 21.93 -8.76 -13.94
C ASP B 231 21.69 -10.17 -13.42
N ILE B 232 20.58 -10.36 -12.72
CA ILE B 232 20.25 -11.67 -12.17
C ILE B 232 19.75 -12.60 -13.28
N VAL B 233 19.06 -12.03 -14.27
CA VAL B 233 18.59 -12.83 -15.40
C VAL B 233 19.83 -13.40 -16.09
N ARG B 234 20.85 -12.56 -16.23
CA ARG B 234 22.09 -12.98 -16.86
C ARG B 234 22.78 -14.08 -16.06
N LEU B 235 22.74 -13.99 -14.73
CA LEU B 235 23.36 -15.02 -13.90
C LEU B 235 22.63 -16.34 -14.09
N LEU B 236 21.31 -16.27 -14.12
CA LEU B 236 20.48 -17.47 -14.28
C LEU B 236 20.62 -18.12 -15.67
N ASP B 237 21.12 -17.36 -16.65
CA ASP B 237 21.30 -17.91 -17.99
C ASP B 237 22.69 -18.50 -18.21
N GLU B 238 23.60 -18.28 -17.27
CA GLU B 238 24.95 -18.82 -17.37
C GLU B 238 24.95 -20.33 -17.18
N HIS B 239 25.75 -21.04 -17.98
CA HIS B 239 25.84 -22.49 -17.87
C HIS B 239 26.81 -22.88 -16.76
N MET C 47 16.23 12.56 -8.89
CA MET C 47 15.12 12.58 -9.89
C MET C 47 14.41 13.92 -9.88
N ASP C 48 14.49 14.64 -11.00
CA ASP C 48 13.88 15.95 -11.12
C ASP C 48 12.35 15.89 -11.28
N LYS C 49 11.87 14.94 -12.08
CA LYS C 49 10.42 14.84 -12.32
C LYS C 49 9.61 14.06 -11.28
N THR C 50 10.26 13.31 -10.39
CA THR C 50 9.55 12.56 -9.38
C THR C 50 9.98 12.92 -7.95
N GLY C 51 11.13 13.58 -7.84
CA GLY C 51 11.64 13.95 -6.53
C GLY C 51 12.29 12.78 -5.82
N GLU C 52 12.41 11.66 -6.51
CA GLU C 52 13.00 10.44 -5.95
C GLU C 52 14.51 10.45 -5.83
N THR C 53 15.00 9.95 -4.69
CA THR C 53 16.43 9.85 -4.46
C THR C 53 16.84 8.45 -4.91
N SER C 54 18.15 8.17 -4.89
CA SER C 54 18.63 6.85 -5.28
C SER C 54 17.99 5.76 -4.44
N LEU C 55 17.75 6.05 -3.17
CA LEU C 55 17.15 5.08 -2.27
C LEU C 55 15.70 4.80 -2.66
N HIS C 56 15.00 5.82 -3.13
CA HIS C 56 13.61 5.67 -3.58
C HIS C 56 13.63 4.68 -4.74
N LEU C 57 14.57 4.89 -5.67
CA LEU C 57 14.68 4.04 -6.84
C LEU C 57 15.04 2.60 -6.49
N ALA C 58 15.92 2.42 -5.51
CA ALA C 58 16.30 1.07 -5.09
C ALA C 58 15.04 0.37 -4.60
N ALA C 59 14.21 1.10 -3.87
CA ALA C 59 12.96 0.56 -3.36
C ALA C 59 11.99 0.27 -4.51
N ARG C 60 11.79 1.25 -5.37
CA ARG C 60 10.86 1.12 -6.49
C ARG C 60 11.25 0.01 -7.47
N PHE C 61 12.56 -0.17 -7.70
CA PHE C 61 12.99 -1.22 -8.61
C PHE C 61 13.41 -2.49 -7.90
N ALA C 62 13.02 -2.58 -6.63
CA ALA C 62 13.30 -3.73 -5.78
C ALA C 62 14.74 -4.22 -5.83
N ARG C 63 15.67 -3.39 -5.37
CA ARG C 63 17.07 -3.75 -5.35
C ARG C 63 17.54 -3.76 -3.90
N ALA C 64 17.45 -4.93 -3.26
CA ALA C 64 17.88 -5.03 -1.87
C ALA C 64 19.36 -4.69 -1.75
N ASP C 65 20.16 -5.10 -2.75
CA ASP C 65 21.59 -4.82 -2.72
C ASP C 65 21.89 -3.33 -2.71
N ALA C 66 21.30 -2.60 -3.65
CA ALA C 66 21.52 -1.17 -3.74
C ALA C 66 21.04 -0.44 -2.49
N ALA C 67 19.87 -0.82 -1.99
CA ALA C 67 19.30 -0.18 -0.81
C ALA C 67 20.26 -0.22 0.38
N LYS C 68 20.82 -1.39 0.66
CA LYS C 68 21.75 -1.53 1.78
C LYS C 68 22.99 -0.67 1.55
N ARG C 69 23.48 -0.69 0.32
CA ARG C 69 24.65 0.09 -0.04
C ARG C 69 24.42 1.57 0.20
N LEU C 70 23.29 2.07 -0.28
CA LEU C 70 22.94 3.48 -0.13
C LEU C 70 22.79 3.88 1.34
N LEU C 71 22.11 3.05 2.13
CA LEU C 71 21.92 3.34 3.54
C LEU C 71 23.25 3.36 4.29
N ASP C 72 24.09 2.36 4.03
CA ASP C 72 25.39 2.31 4.69
C ASP C 72 26.20 3.55 4.35
N ALA C 73 26.00 4.07 3.14
CA ALA C 73 26.72 5.26 2.70
C ALA C 73 26.19 6.53 3.37
N GLY C 74 25.03 6.42 4.01
CA GLY C 74 24.46 7.57 4.69
C GLY C 74 23.20 8.16 4.09
N ALA C 75 22.54 7.41 3.20
CA ALA C 75 21.32 7.89 2.57
C ALA C 75 20.23 8.15 3.61
N ASP C 76 19.47 9.22 3.40
CA ASP C 76 18.38 9.58 4.30
C ASP C 76 17.21 8.60 4.07
N ALA C 77 16.92 7.78 5.07
CA ALA C 77 15.86 6.80 4.96
C ALA C 77 14.47 7.43 4.88
N ASN C 78 14.36 8.70 5.26
CA ASN C 78 13.05 9.36 5.25
C ASN C 78 12.90 10.48 4.22
N SER C 79 13.73 10.50 3.20
CA SER C 79 13.63 11.54 2.17
C SER C 79 12.24 11.40 1.52
N GLN C 80 11.70 12.53 1.07
CA GLN C 80 10.38 12.52 0.44
C GLN C 80 10.43 12.91 -1.03
N ASP C 81 9.64 12.22 -1.86
CA ASP C 81 9.58 12.53 -3.28
C ASP C 81 8.44 13.53 -3.50
N ASN C 82 8.11 13.80 -4.77
CA ASN C 82 7.06 14.76 -5.07
C ASN C 82 5.68 14.48 -4.46
N THR C 83 5.41 13.25 -4.05
CA THR C 83 4.11 12.94 -3.44
C THR C 83 4.24 12.78 -1.93
N GLY C 84 5.45 13.00 -1.42
CA GLY C 84 5.67 12.86 0.01
C GLY C 84 6.06 11.46 0.43
N ARG C 85 6.22 10.56 -0.55
CA ARG C 85 6.60 9.19 -0.28
C ARG C 85 8.07 9.08 0.14
N THR C 86 8.36 8.22 1.09
CA THR C 86 9.73 7.97 1.52
C THR C 86 10.07 6.63 0.87
N PRO C 87 11.32 6.18 0.95
CA PRO C 87 11.65 4.90 0.34
C PRO C 87 10.79 3.75 0.87
N LEU C 88 10.34 3.86 2.13
CA LEU C 88 9.50 2.82 2.72
C LEU C 88 8.17 2.73 1.97
N HIS C 89 7.55 3.88 1.69
CA HIS C 89 6.29 3.89 0.93
C HIS C 89 6.58 3.23 -0.41
N ALA C 90 7.67 3.62 -1.05
CA ALA C 90 8.06 3.08 -2.34
C ALA C 90 8.24 1.57 -2.30
N ALA C 91 8.87 1.07 -1.24
CA ALA C 91 9.11 -0.37 -1.13
C ALA C 91 7.79 -1.11 -0.99
N VAL C 92 6.86 -0.55 -0.24
CA VAL C 92 5.55 -1.17 -0.07
C VAL C 92 4.80 -1.21 -1.40
N ALA C 93 4.75 -0.07 -2.08
CA ALA C 93 4.05 0.02 -3.35
C ALA C 93 4.65 -0.90 -4.43
N ALA C 94 5.95 -1.11 -4.40
CA ALA C 94 6.61 -1.98 -5.38
C ALA C 94 6.69 -3.42 -4.90
N ASP C 95 6.22 -3.65 -3.68
CA ASP C 95 6.26 -4.99 -3.09
C ASP C 95 7.71 -5.48 -3.12
N ALA C 96 8.62 -4.61 -2.70
CA ALA C 96 10.05 -4.95 -2.63
C ALA C 96 10.26 -5.36 -1.18
N MET C 97 9.93 -6.61 -0.87
CA MET C 97 10.05 -7.11 0.50
C MET C 97 11.47 -7.05 1.04
N GLY C 98 12.45 -7.28 0.16
CA GLY C 98 13.84 -7.21 0.60
C GLY C 98 14.17 -5.81 1.08
N VAL C 99 13.97 -4.81 0.22
CA VAL C 99 14.25 -3.43 0.58
C VAL C 99 13.43 -3.04 1.81
N PHE C 100 12.20 -3.53 1.87
CA PHE C 100 11.28 -3.27 2.97
C PHE C 100 11.90 -3.65 4.30
N GLN C 101 12.40 -4.89 4.38
CA GLN C 101 13.02 -5.36 5.62
C GLN C 101 14.28 -4.57 5.97
N ILE C 102 15.05 -4.18 4.95
CA ILE C 102 16.27 -3.42 5.16
C ILE C 102 15.91 -2.04 5.75
N LEU C 103 14.75 -1.52 5.37
CA LEU C 103 14.31 -0.23 5.89
C LEU C 103 13.76 -0.41 7.31
N LEU C 104 13.03 -1.50 7.53
CA LEU C 104 12.47 -1.76 8.85
C LEU C 104 13.53 -1.95 9.93
N ARG C 105 14.66 -2.54 9.57
CA ARG C 105 15.72 -2.79 10.53
C ARG C 105 16.60 -1.56 10.75
N ASN C 106 16.34 -0.51 9.96
CA ASN C 106 17.09 0.74 10.07
C ASN C 106 16.42 1.57 11.17
N ARG C 107 17.15 1.89 12.23
CA ARG C 107 16.61 2.60 13.37
C ARG C 107 16.09 3.97 12.98
N ALA C 108 16.64 4.63 11.98
CA ALA C 108 16.21 5.97 11.59
C ALA C 108 14.90 6.00 10.78
N THR C 109 14.50 4.85 10.24
CA THR C 109 13.29 4.78 9.43
C THR C 109 11.99 5.12 10.18
N ASN C 110 11.26 6.12 9.67
CA ASN C 110 9.99 6.50 10.26
C ASN C 110 8.90 5.63 9.65
N LEU C 111 8.38 4.70 10.44
CA LEU C 111 7.34 3.78 9.98
C LEU C 111 5.99 4.46 9.80
N ASN C 112 5.85 5.65 10.37
CA ASN C 112 4.59 6.39 10.27
C ASN C 112 4.68 7.57 9.32
N ALA C 113 5.71 7.56 8.46
CA ALA C 113 5.89 8.63 7.50
C ALA C 113 4.60 8.84 6.71
N ARG C 114 4.25 10.09 6.44
CA ARG C 114 3.01 10.39 5.73
C ARG C 114 3.24 11.03 4.38
N MET C 115 2.53 10.54 3.37
CA MET C 115 2.61 11.12 2.03
C MET C 115 1.89 12.47 2.19
N HIS C 116 1.95 13.32 1.17
CA HIS C 116 1.28 14.61 1.28
C HIS C 116 -0.20 14.44 1.61
N ASP C 117 -0.82 13.36 1.16
CA ASP C 117 -2.24 13.14 1.42
C ASP C 117 -2.51 12.39 2.74
N GLY C 118 -1.49 12.29 3.58
CA GLY C 118 -1.63 11.64 4.87
C GLY C 118 -1.46 10.13 4.90
N THR C 119 -1.26 9.51 3.74
CA THR C 119 -1.12 8.07 3.65
C THR C 119 0.18 7.54 4.27
N THR C 120 0.04 6.53 5.11
CA THR C 120 1.20 5.90 5.79
C THR C 120 1.56 4.60 5.08
N PRO C 121 2.72 4.02 5.41
CA PRO C 121 3.12 2.77 4.77
C PRO C 121 2.13 1.65 5.05
N LEU C 122 1.60 1.61 6.27
CA LEU C 122 0.64 0.58 6.64
C LEU C 122 -0.66 0.75 5.85
N ILE C 123 -1.09 1.99 5.66
CA ILE C 123 -2.32 2.22 4.90
C ILE C 123 -2.07 1.74 3.46
N LEU C 124 -0.89 2.02 2.92
CA LEU C 124 -0.57 1.60 1.56
C LEU C 124 -0.59 0.07 1.43
N ALA C 125 0.04 -0.61 2.40
CA ALA C 125 0.10 -2.06 2.37
C ALA C 125 -1.30 -2.65 2.31
N ALA C 126 -2.21 -2.06 3.09
CA ALA C 126 -3.60 -2.53 3.13
C ALA C 126 -4.37 -2.19 1.85
N ARG C 127 -4.28 -0.94 1.41
CA ARG C 127 -4.99 -0.51 0.21
C ARG C 127 -4.49 -1.19 -1.06
N LEU C 128 -3.18 -1.45 -1.12
CA LEU C 128 -2.59 -2.07 -2.29
C LEU C 128 -2.59 -3.58 -2.19
N ALA C 129 -2.99 -4.10 -1.04
CA ALA C 129 -3.05 -5.54 -0.82
C ALA C 129 -1.68 -6.20 -1.00
N ILE C 130 -0.66 -5.63 -0.37
CA ILE C 130 0.67 -6.20 -0.45
C ILE C 130 0.77 -7.25 0.64
N GLU C 131 1.09 -8.49 0.26
CA GLU C 131 1.18 -9.56 1.23
C GLU C 131 2.34 -9.43 2.21
N GLY C 132 2.10 -9.90 3.44
CA GLY C 132 3.12 -9.89 4.48
C GLY C 132 3.45 -8.59 5.17
N MET C 133 3.40 -7.48 4.44
CA MET C 133 3.78 -6.19 5.01
C MET C 133 2.85 -5.60 6.07
N VAL C 134 1.56 -5.93 6.01
CA VAL C 134 0.64 -5.41 7.01
C VAL C 134 1.07 -5.97 8.37
N GLU C 135 1.23 -7.28 8.46
CA GLU C 135 1.66 -7.90 9.70
C GLU C 135 3.03 -7.35 10.13
N ASP C 136 3.95 -7.26 9.19
CA ASP C 136 5.30 -6.76 9.49
C ASP C 136 5.32 -5.38 10.09
N LEU C 137 4.58 -4.44 9.49
CA LEU C 137 4.55 -3.07 10.01
C LEU C 137 3.92 -3.02 11.39
N ILE C 138 2.86 -3.79 11.59
CA ILE C 138 2.17 -3.83 12.87
C ILE C 138 3.12 -4.37 13.94
N THR C 139 3.81 -5.46 13.59
CA THR C 139 4.76 -6.08 14.53
C THR C 139 5.90 -5.11 14.83
N ALA C 140 6.29 -4.31 13.84
CA ALA C 140 7.37 -3.34 14.03
C ALA C 140 6.89 -2.14 14.83
N ASP C 141 5.63 -2.18 15.25
CA ASP C 141 5.00 -1.14 16.07
C ASP C 141 4.54 0.12 15.34
N ALA C 142 4.18 0.01 14.07
CA ALA C 142 3.69 1.17 13.34
C ALA C 142 2.36 1.55 14.00
N ASP C 143 2.01 2.84 13.98
CA ASP C 143 0.74 3.22 14.54
C ASP C 143 -0.41 2.60 13.77
N ILE C 144 -1.07 1.63 14.38
CA ILE C 144 -2.12 0.87 13.73
C ILE C 144 -3.41 1.64 13.41
N ASN C 145 -3.65 2.75 14.11
CA ASN C 145 -4.87 3.54 13.86
C ASN C 145 -4.66 4.85 13.11
N ALA C 146 -3.47 5.06 12.58
CA ALA C 146 -3.20 6.29 11.83
C ALA C 146 -4.20 6.34 10.66
N ALA C 147 -4.51 7.55 10.19
CA ALA C 147 -5.45 7.71 9.09
C ALA C 147 -4.97 8.78 8.12
N ASP C 148 -5.31 8.64 6.84
CA ASP C 148 -4.88 9.63 5.86
C ASP C 148 -5.65 10.94 6.10
N ASN C 149 -5.47 11.91 5.22
CA ASN C 149 -6.15 13.19 5.39
C ASN C 149 -7.66 13.14 5.25
N SER C 150 -8.20 12.00 4.82
CA SER C 150 -9.65 11.88 4.69
C SER C 150 -10.18 11.14 5.92
N GLY C 151 -9.28 10.87 6.86
CA GLY C 151 -9.65 10.18 8.09
C GLY C 151 -9.78 8.68 7.96
N LYS C 152 -9.26 8.11 6.87
CA LYS C 152 -9.35 6.66 6.68
C LYS C 152 -8.10 5.94 7.15
N THR C 153 -8.29 4.94 8.00
CA THR C 153 -7.20 4.14 8.54
C THR C 153 -6.91 2.96 7.61
N ALA C 154 -5.93 2.15 7.96
CA ALA C 154 -5.58 0.99 7.17
C ALA C 154 -6.77 0.02 7.13
N LEU C 155 -7.51 -0.06 8.23
CA LEU C 155 -8.67 -0.95 8.29
C LEU C 155 -9.77 -0.40 7.37
N HIS C 156 -9.89 0.92 7.33
CA HIS C 156 -10.88 1.55 6.45
C HIS C 156 -10.58 1.14 5.02
N TRP C 157 -9.33 1.34 4.59
CA TRP C 157 -8.95 1.00 3.22
C TRP C 157 -8.97 -0.49 2.90
N ALA C 158 -8.60 -1.33 3.87
CA ALA C 158 -8.61 -2.76 3.63
C ALA C 158 -10.05 -3.19 3.35
N ALA C 159 -10.98 -2.60 4.09
CA ALA C 159 -12.39 -2.91 3.92
C ALA C 159 -12.87 -2.45 2.54
N ALA C 160 -12.51 -1.23 2.18
CA ALA C 160 -12.90 -0.64 0.90
C ALA C 160 -12.51 -1.46 -0.31
N VAL C 161 -11.30 -2.03 -0.30
CA VAL C 161 -10.82 -2.83 -1.42
C VAL C 161 -10.98 -4.33 -1.21
N ASN C 162 -11.72 -4.70 -0.16
CA ASN C 162 -11.98 -6.10 0.18
C ASN C 162 -10.71 -6.94 0.43
N ASN C 163 -9.73 -6.31 1.07
CA ASN C 163 -8.48 -7.00 1.42
C ASN C 163 -8.81 -7.70 2.75
N THR C 164 -9.58 -8.77 2.66
CA THR C 164 -10.00 -9.50 3.86
C THR C 164 -8.85 -9.95 4.75
N GLU C 165 -7.76 -10.41 4.14
CA GLU C 165 -6.61 -10.86 4.90
C GLU C 165 -6.09 -9.75 5.81
N ALA C 166 -5.97 -8.54 5.25
CA ALA C 166 -5.48 -7.41 6.02
C ALA C 166 -6.49 -7.02 7.09
N VAL C 167 -7.77 -7.13 6.76
CA VAL C 167 -8.82 -6.80 7.74
C VAL C 167 -8.66 -7.70 8.96
N ASN C 168 -8.55 -9.01 8.72
CA ASN C 168 -8.41 -9.96 9.82
C ASN C 168 -7.17 -9.74 10.66
N ILE C 169 -6.05 -9.41 10.00
CA ILE C 169 -4.80 -9.16 10.71
C ILE C 169 -4.92 -7.90 11.56
N LEU C 170 -5.52 -6.86 10.98
CA LEU C 170 -5.69 -5.60 11.69
C LEU C 170 -6.60 -5.79 12.91
N LEU C 171 -7.66 -6.57 12.74
CA LEU C 171 -8.60 -6.83 13.84
C LEU C 171 -7.89 -7.64 14.93
N MET C 172 -7.22 -8.71 14.51
CA MET C 172 -6.49 -9.57 15.42
C MET C 172 -5.52 -8.75 16.27
N HIS C 173 -4.94 -7.71 15.68
CA HIS C 173 -4.00 -6.86 16.39
C HIS C 173 -4.62 -5.64 17.06
N HIS C 174 -5.91 -5.74 17.35
CA HIS C 174 -6.67 -4.71 18.05
C HIS C 174 -6.85 -3.35 17.39
N ALA C 175 -6.98 -3.32 16.07
CA ALA C 175 -7.19 -2.05 15.39
C ALA C 175 -8.61 -1.61 15.78
N ASN C 176 -8.82 -0.31 15.95
CA ASN C 176 -10.16 0.18 16.30
C ASN C 176 -11.15 -0.18 15.19
N ARG C 177 -11.95 -1.21 15.43
CA ARG C 177 -12.91 -1.69 14.45
C ARG C 177 -14.04 -0.72 14.07
N ASP C 178 -14.31 0.27 14.90
CA ASP C 178 -15.38 1.22 14.62
C ASP C 178 -14.88 2.64 14.36
N ALA C 179 -13.62 2.79 13.99
CA ALA C 179 -13.07 4.11 13.71
C ALA C 179 -13.90 4.75 12.60
N GLN C 180 -14.04 6.08 12.67
CA GLN C 180 -14.81 6.81 11.66
C GLN C 180 -13.91 7.83 10.96
N ASP C 181 -14.08 7.98 9.65
CA ASP C 181 -13.29 8.93 8.89
C ASP C 181 -13.97 10.30 8.95
N ASP C 182 -13.52 11.22 8.10
CA ASP C 182 -14.08 12.57 8.09
C ASP C 182 -15.59 12.61 7.82
N LYS C 183 -16.10 11.62 7.08
CA LYS C 183 -17.54 11.56 6.79
C LYS C 183 -18.24 10.61 7.75
N ASP C 184 -17.61 10.39 8.91
CA ASP C 184 -18.13 9.51 9.96
C ASP C 184 -18.40 8.08 9.49
N GLU C 185 -17.71 7.66 8.43
CA GLU C 185 -17.88 6.32 7.89
C GLU C 185 -16.96 5.35 8.64
N THR C 186 -17.47 4.17 8.97
CA THR C 186 -16.68 3.16 9.65
C THR C 186 -16.15 2.22 8.57
N PRO C 187 -15.25 1.30 8.94
CA PRO C 187 -14.73 0.36 7.94
C PRO C 187 -15.86 -0.49 7.36
N LEU C 188 -16.82 -0.85 8.22
CA LEU C 188 -17.95 -1.66 7.78
C LEU C 188 -18.81 -0.88 6.78
N PHE C 189 -19.00 0.41 7.04
CA PHE C 189 -19.80 1.24 6.15
C PHE C 189 -19.17 1.20 4.76
N LEU C 190 -17.85 1.39 4.70
CA LEU C 190 -17.15 1.39 3.42
C LEU C 190 -17.20 0.05 2.69
N ALA C 191 -17.16 -1.04 3.45
CA ALA C 191 -17.21 -2.37 2.85
C ALA C 191 -18.58 -2.59 2.22
N ALA C 192 -19.61 -2.05 2.85
CA ALA C 192 -20.96 -2.19 2.33
C ALA C 192 -21.11 -1.28 1.11
N ARG C 193 -20.52 -0.10 1.21
CA ARG C 193 -20.56 0.90 0.14
C ARG C 193 -19.80 0.46 -1.11
N GLU C 194 -18.63 -0.14 -0.90
CA GLU C 194 -17.79 -0.54 -2.02
C GLU C 194 -17.96 -1.97 -2.51
N GLY C 195 -18.91 -2.71 -1.96
CA GLY C 195 -19.14 -4.07 -2.40
C GLY C 195 -18.07 -5.09 -2.02
N SER C 196 -17.68 -5.09 -0.75
CA SER C 196 -16.66 -6.01 -0.25
C SER C 196 -17.33 -6.99 0.70
N TYR C 197 -17.92 -8.04 0.15
CA TYR C 197 -18.62 -9.05 0.93
C TYR C 197 -17.77 -9.72 2.01
N GLU C 198 -16.66 -10.30 1.61
CA GLU C 198 -15.78 -10.97 2.56
C GLU C 198 -15.33 -10.06 3.69
N ALA C 199 -14.94 -8.82 3.36
CA ALA C 199 -14.49 -7.86 4.37
C ALA C 199 -15.63 -7.50 5.31
N SER C 200 -16.85 -7.40 4.77
CA SER C 200 -18.01 -7.07 5.58
C SER C 200 -18.26 -8.18 6.61
N LYS C 201 -18.18 -9.43 6.17
CA LYS C 201 -18.39 -10.57 7.06
C LYS C 201 -17.36 -10.57 8.17
N ALA C 202 -16.09 -10.41 7.80
CA ALA C 202 -15.00 -10.40 8.77
C ALA C 202 -15.24 -9.37 9.85
N LEU C 203 -15.61 -8.15 9.44
CA LEU C 203 -15.89 -7.09 10.39
C LEU C 203 -17.07 -7.43 11.29
N LEU C 204 -18.13 -7.97 10.70
CA LEU C 204 -19.32 -8.34 11.45
C LEU C 204 -19.01 -9.47 12.43
N ASP C 205 -18.29 -10.48 11.95
CA ASP C 205 -17.93 -11.63 12.79
C ASP C 205 -17.08 -11.19 13.98
N ASN C 206 -16.49 -10.00 13.85
CA ASN C 206 -15.66 -9.45 14.92
C ASN C 206 -16.38 -8.31 15.62
N PHE C 207 -17.71 -8.46 15.67
CA PHE C 207 -18.62 -7.52 16.33
C PHE C 207 -18.48 -6.04 15.99
N ALA C 208 -18.28 -5.74 14.72
CA ALA C 208 -18.19 -4.35 14.29
C ALA C 208 -19.59 -3.77 14.50
N ASN C 209 -19.68 -2.53 14.94
CA ASN C 209 -20.97 -1.90 15.18
C ASN C 209 -21.64 -1.47 13.87
N ARG C 210 -22.59 -2.28 13.41
CA ARG C 210 -23.31 -1.99 12.16
C ARG C 210 -24.31 -0.85 12.27
N GLU C 211 -24.47 -0.27 13.47
CA GLU C 211 -25.45 0.79 13.68
C GLU C 211 -24.81 2.16 13.60
N ILE C 212 -23.50 2.27 13.51
CA ILE C 212 -22.85 3.57 13.42
C ILE C 212 -23.12 4.12 12.01
N THR C 213 -23.66 5.33 11.94
CA THR C 213 -24.00 5.95 10.66
C THR C 213 -22.99 7.00 10.21
N ASP C 214 -23.03 7.36 8.93
CA ASP C 214 -22.11 8.36 8.40
C ASP C 214 -22.63 9.76 8.72
N HIS C 215 -22.03 10.77 8.10
CA HIS C 215 -22.44 12.16 8.35
C HIS C 215 -23.85 12.50 7.87
N MET C 216 -24.42 11.64 7.03
CA MET C 216 -25.78 11.86 6.51
C MET C 216 -26.77 10.92 7.21
N ASP C 217 -26.34 10.38 8.35
CA ASP C 217 -27.16 9.47 9.13
C ASP C 217 -27.51 8.20 8.38
N ARG C 218 -26.69 7.84 7.40
CA ARG C 218 -26.88 6.61 6.65
C ARG C 218 -26.24 5.43 7.35
N LEU C 219 -26.92 4.30 7.35
CA LEU C 219 -26.39 3.09 7.98
C LEU C 219 -25.68 2.29 6.89
N PRO C 220 -24.76 1.40 7.30
CA PRO C 220 -24.06 0.60 6.29
C PRO C 220 -25.11 -0.13 5.44
N ARG C 221 -26.22 -0.49 6.08
CA ARG C 221 -27.30 -1.20 5.40
C ARG C 221 -27.97 -0.34 4.34
N ASP C 222 -28.06 0.96 4.60
CA ASP C 222 -28.68 1.90 3.67
C ASP C 222 -27.86 2.06 2.40
N VAL C 223 -26.57 2.34 2.54
CA VAL C 223 -25.71 2.52 1.38
C VAL C 223 -25.65 1.22 0.58
N ALA C 224 -25.69 0.09 1.27
CA ALA C 224 -25.65 -1.21 0.61
C ALA C 224 -26.92 -1.43 -0.23
N SER C 225 -28.06 -1.15 0.39
CA SER C 225 -29.33 -1.30 -0.31
C SER C 225 -29.39 -0.40 -1.55
N GLU C 226 -29.06 0.87 -1.34
CA GLU C 226 -29.05 1.84 -2.42
C GLU C 226 -28.19 1.38 -3.59
N ARG C 227 -27.03 0.81 -3.29
CA ARG C 227 -26.13 0.33 -4.33
C ARG C 227 -26.41 -1.10 -4.77
N LEU C 228 -27.57 -1.62 -4.35
CA LEU C 228 -28.01 -2.95 -4.71
C LEU C 228 -27.08 -4.09 -4.27
N HIS C 229 -26.37 -3.90 -3.16
CA HIS C 229 -25.51 -4.96 -2.65
C HIS C 229 -26.38 -5.78 -1.71
N HIS C 230 -27.32 -6.52 -2.29
CA HIS C 230 -28.27 -7.32 -1.54
C HIS C 230 -27.61 -8.40 -0.67
N ASP C 231 -26.52 -8.98 -1.18
CA ASP C 231 -25.81 -9.99 -0.43
C ASP C 231 -25.33 -9.42 0.89
N ILE C 232 -24.84 -8.19 0.85
CA ILE C 232 -24.34 -7.52 2.05
C ILE C 232 -25.51 -7.06 2.93
N VAL C 233 -26.64 -6.77 2.31
CA VAL C 233 -27.82 -6.36 3.06
C VAL C 233 -28.29 -7.53 3.92
N ARG C 234 -28.44 -8.69 3.30
CA ARG C 234 -28.87 -9.88 4.01
C ARG C 234 -27.87 -10.19 5.13
N LEU C 235 -26.59 -10.07 4.81
CA LEU C 235 -25.53 -10.31 5.77
C LEU C 235 -25.70 -9.37 6.96
N LEU C 236 -26.07 -8.12 6.69
CA LEU C 236 -26.25 -7.13 7.73
C LEU C 236 -27.51 -7.36 8.57
N ASP C 237 -28.47 -8.10 8.03
CA ASP C 237 -29.71 -8.36 8.76
C ASP C 237 -29.66 -9.59 9.65
N GLU C 238 -28.56 -10.33 9.58
CA GLU C 238 -28.41 -11.52 10.40
C GLU C 238 -27.39 -11.28 11.52
#